data_6T0I
#
_entry.id   6T0I
#
_cell.length_a   43.406
_cell.length_b   44.173
_cell.length_c   50.237
_cell.angle_alpha   75.800
_cell.angle_beta   65.489
_cell.angle_gamma   70.984
#
_symmetry.space_group_name_H-M   'P 1'
#
loop_
_entity.id
_entity.type
_entity.pdbx_description
1 polymer 'glucuronoyl esterase OtCE15A'
2 branched '4-O-methyl-alpha-D-glucopyranuronic acid-(1-2)-[beta-D-xylopyranose-(1-4)]beta-D-xylopyranose-(1-4)-beta-D-xylopyranose'
3 non-polymer 'MAGNESIUM ION'
4 non-polymer 'POTASSIUM ION'
5 non-polymer 1,2-ETHANEDIOL
6 non-polymer DI(HYDROXYETHYL)ETHER
7 water water
#
_entity_poly.entity_id   1
_entity_poly.type   'polypeptide(L)'
_entity_poly.pdbx_seq_one_letter_code
;MGSSHHHHHHSSENLYFQGHSAYTLPDPLVGADGTRVHDRATWQHRRRPELLQLFAREVYGRTPLGRPEGMVFKVTTMEH
AALGGAATRKEVTVRFGRDPNAPSMQLLLYVPNAVIARAERAPVFLGLNFYGNHTVHTDPAIALSARWIPAEAPNGANHR
ATEAARGSDAQKWPVEQILARGYAVATVYCGDLCPDRPDGLNASVASWLDAAAGDQRAPDAWGAIGVWAWGLSRALDYLE
TDPLVDASRVAVHGHSRLGKAALWAGAQDDRFALVISNESGCGGAALSKRIHGETVARINTVFPHWFARNFRRYDDHEEA
LPVDQHELLALVAPRPLYVASAEDDDWADPRGEFLAVKAAEPVFRLFGQTGPSGEDVPRVNEPSGGALRYHIRPGPHGMT
AQDWAFYLAFADEWLKSALPA
;
_entity_poly.pdbx_strand_id   A
#
loop_
_chem_comp.id
_chem_comp.type
_chem_comp.name
_chem_comp.formula
EDO non-polymer 1,2-ETHANEDIOL 'C2 H6 O2'
GCV D-saccharide, alpha linking '4-O-methyl-alpha-D-glucopyranuronic acid' 'C7 H12 O7'
K non-polymer 'POTASSIUM ION' 'K 1'
MG non-polymer 'MAGNESIUM ION' 'Mg 2'
PEG non-polymer DI(HYDROXYETHYL)ETHER 'C4 H10 O3'
XYP D-saccharide, beta linking beta-D-xylopyranose 'C5 H10 O5'
#
# COMPACT_ATOMS: atom_id res chain seq x y z
N THR A 24 15.67 -9.32 20.33
CA THR A 24 16.54 -8.51 19.49
C THR A 24 16.36 -8.86 18.00
N LEU A 25 16.79 -7.93 17.14
CA LEU A 25 16.33 -7.99 15.78
C LEU A 25 17.32 -8.69 14.87
N PRO A 26 16.81 -9.47 13.92
CA PRO A 26 17.68 -9.98 12.87
C PRO A 26 18.27 -8.82 12.09
N ASP A 27 19.52 -8.97 11.69
CA ASP A 27 20.21 -7.92 10.96
C ASP A 27 19.90 -8.02 9.47
N PRO A 28 19.33 -6.99 8.84
CA PRO A 28 19.06 -7.07 7.40
C PRO A 28 20.31 -7.29 6.58
N LEU A 29 21.45 -6.79 7.07
CA LEU A 29 22.69 -6.85 6.33
C LEU A 29 23.57 -8.06 6.69
N VAL A 30 22.99 -9.08 7.32
CA VAL A 30 23.64 -10.39 7.48
C VAL A 30 22.76 -11.41 6.79
N GLY A 31 23.29 -12.09 5.78
CA GLY A 31 22.53 -13.11 5.09
C GLY A 31 22.18 -14.27 5.99
N ALA A 32 21.22 -15.07 5.51
CA ALA A 32 20.79 -16.22 6.28
C ALA A 32 21.95 -17.15 6.60
N ASP A 33 23.01 -17.16 5.77
CA ASP A 33 24.18 -18.00 6.02
C ASP A 33 25.26 -17.29 6.82
N GLY A 34 24.98 -16.11 7.36
CA GLY A 34 25.99 -15.36 8.07
C GLY A 34 26.83 -14.42 7.22
N THR A 35 26.62 -14.38 5.91
CA THR A 35 27.40 -13.50 5.05
C THR A 35 27.06 -12.05 5.33
N ARG A 36 28.08 -11.22 5.51
CA ARG A 36 27.88 -9.80 5.75
C ARG A 36 27.68 -9.12 4.40
N VAL A 37 26.59 -8.37 4.27
CA VAL A 37 26.21 -7.72 3.02
C VAL A 37 26.83 -6.33 3.04
N HIS A 38 27.78 -6.08 2.16
CA HIS A 38 28.51 -4.81 2.18
C HIS A 38 28.37 -4.00 0.91
N ASP A 39 27.59 -4.46 -0.07
CA ASP A 39 27.52 -3.77 -1.35
C ASP A 39 26.12 -3.92 -1.92
N ARG A 40 25.76 -2.99 -2.79
CA ARG A 40 24.40 -2.95 -3.33
C ARG A 40 24.08 -4.16 -4.22
N ALA A 41 25.08 -4.81 -4.83
CA ALA A 41 24.77 -5.93 -5.70
C ALA A 41 24.40 -7.16 -4.90
N THR A 42 25.16 -7.42 -3.84
CA THR A 42 24.81 -8.53 -2.95
C THR A 42 23.46 -8.29 -2.32
N TRP A 43 23.18 -7.05 -1.88
CA TRP A 43 21.84 -6.73 -1.36
C TRP A 43 20.77 -7.06 -2.40
N GLN A 44 20.92 -6.53 -3.62
CA GLN A 44 19.82 -6.61 -4.58
C GLN A 44 19.63 -8.02 -5.12
N HIS A 45 20.68 -8.81 -5.23
CA HIS A 45 20.62 -10.08 -5.97
C HIS A 45 20.70 -11.29 -5.08
N ARG A 46 21.11 -11.13 -3.84
CA ARG A 46 21.13 -12.22 -2.86
C ARG A 46 20.23 -11.95 -1.67
N ARG A 47 20.39 -10.82 -0.99
CA ARG A 47 19.68 -10.65 0.28
C ARG A 47 18.21 -10.28 0.08
N ARG A 48 17.91 -9.38 -0.86
CA ARG A 48 16.50 -9.06 -1.12
C ARG A 48 15.68 -10.30 -1.45
N PRO A 49 16.09 -11.16 -2.40
CA PRO A 49 15.31 -12.39 -2.64
C PRO A 49 15.15 -13.24 -1.40
N GLU A 50 16.19 -13.36 -0.57
CA GLU A 50 16.05 -14.10 0.68
C GLU A 50 14.95 -13.53 1.56
N LEU A 51 14.98 -12.22 1.78
CA LEU A 51 14.00 -11.61 2.66
C LEU A 51 12.61 -11.67 2.04
N LEU A 52 12.51 -11.43 0.73
CA LEU A 52 11.22 -11.54 0.07
C LEU A 52 10.61 -12.91 0.29
N GLN A 53 11.41 -13.96 0.16
CA GLN A 53 10.91 -15.31 0.35
C GLN A 53 10.49 -15.59 1.78
N LEU A 54 11.20 -15.00 2.75
CA LEU A 54 10.84 -15.21 4.14
C LEU A 54 9.51 -14.55 4.47
N PHE A 55 9.33 -13.31 4.01
CA PHE A 55 8.05 -12.66 4.26
C PHE A 55 6.92 -13.40 3.56
N ALA A 56 7.19 -13.91 2.35
CA ALA A 56 6.16 -14.65 1.62
C ALA A 56 5.80 -15.93 2.36
N ARG A 57 6.79 -16.68 2.79
CA ARG A 57 6.48 -17.96 3.42
C ARG A 57 5.91 -17.79 4.82
N GLU A 58 6.40 -16.82 5.59
CA GLU A 58 6.09 -16.79 7.01
C GLU A 58 5.10 -15.73 7.45
N VAL A 59 4.83 -14.72 6.61
CA VAL A 59 4.01 -13.59 7.04
C VAL A 59 2.84 -13.43 6.08
N TYR A 60 3.10 -12.94 4.86
CA TYR A 60 1.99 -12.57 3.99
C TYR A 60 1.47 -13.73 3.15
N GLY A 61 2.23 -14.79 3.00
CA GLY A 61 1.90 -15.83 2.05
C GLY A 61 2.46 -15.52 0.67
N ARG A 62 2.56 -16.56 -0.14
N ARG A 62 2.54 -16.55 -0.15
CA ARG A 62 3.20 -16.42 -1.44
CA ARG A 62 3.20 -16.41 -1.44
C ARG A 62 2.30 -15.69 -2.44
C ARG A 62 2.32 -15.73 -2.48
N THR A 63 2.88 -14.73 -3.17
CA THR A 63 2.23 -14.18 -4.34
C THR A 63 2.46 -15.15 -5.50
N PRO A 64 1.41 -15.79 -6.00
CA PRO A 64 1.64 -16.96 -6.88
C PRO A 64 2.07 -16.61 -8.28
N LEU A 65 1.86 -15.36 -8.69
CA LEU A 65 2.26 -14.85 -9.98
C LEU A 65 2.19 -13.33 -9.89
N GLY A 66 2.95 -12.68 -10.75
CA GLY A 66 2.87 -11.25 -10.87
C GLY A 66 1.79 -10.90 -11.88
N ARG A 67 2.20 -10.23 -12.96
CA ARG A 67 1.26 -9.86 -14.00
C ARG A 67 0.73 -11.11 -14.68
N PRO A 68 -0.58 -11.32 -14.68
CA PRO A 68 -1.16 -12.47 -15.36
C PRO A 68 -1.15 -12.27 -16.86
N GLU A 69 -1.08 -13.36 -17.60
CA GLU A 69 -1.23 -13.20 -19.03
C GLU A 69 -2.65 -12.73 -19.34
N GLY A 70 -2.76 -11.93 -20.38
CA GLY A 70 -4.06 -11.52 -20.86
C GLY A 70 -4.78 -10.47 -20.07
N MET A 71 -4.07 -9.56 -19.43
CA MET A 71 -4.77 -8.48 -18.76
CA MET A 71 -4.75 -8.48 -18.76
C MET A 71 -5.41 -7.56 -19.79
N VAL A 72 -6.62 -7.14 -19.51
CA VAL A 72 -7.37 -6.29 -20.40
C VAL A 72 -7.72 -5.01 -19.67
N PHE A 73 -7.50 -3.87 -20.32
CA PHE A 73 -7.85 -2.57 -19.76
C PHE A 73 -8.96 -1.94 -20.61
N LYS A 74 -10.07 -1.58 -19.96
CA LYS A 74 -11.24 -1.02 -20.63
C LYS A 74 -11.61 0.28 -19.95
N VAL A 75 -11.38 1.39 -20.65
CA VAL A 75 -11.80 2.70 -20.15
C VAL A 75 -13.31 2.80 -20.36
N THR A 76 -14.06 2.82 -19.27
CA THR A 76 -15.51 2.80 -19.38
C THR A 76 -16.13 4.19 -19.40
N THR A 77 -15.50 5.15 -18.76
CA THR A 77 -15.95 6.54 -18.78
C THR A 77 -14.75 7.44 -18.83
N MET A 78 -14.94 8.63 -19.41
N MET A 78 -14.91 8.60 -19.45
CA MET A 78 -13.87 9.60 -19.59
CA MET A 78 -13.83 9.58 -19.49
C MET A 78 -14.52 10.97 -19.58
C MET A 78 -14.45 10.97 -19.59
N GLU A 79 -14.22 11.80 -18.57
CA GLU A 79 -14.70 13.16 -18.50
C GLU A 79 -13.53 14.13 -18.42
N HIS A 80 -13.40 15.02 -19.41
CA HIS A 80 -12.29 15.96 -19.41
C HIS A 80 -12.53 17.17 -18.53
N ALA A 81 -13.75 17.39 -18.08
CA ALA A 81 -14.06 18.55 -17.25
C ALA A 81 -14.60 18.15 -15.89
N ALA A 82 -14.03 17.13 -15.28
CA ALA A 82 -14.41 16.74 -13.94
C ALA A 82 -13.92 17.76 -12.92
N LEU A 83 -14.57 17.76 -11.77
CA LEU A 83 -14.19 18.63 -10.66
C LEU A 83 -14.13 20.08 -11.09
N GLY A 84 -15.22 20.51 -11.74
CA GLY A 84 -15.30 21.86 -12.28
C GLY A 84 -14.20 22.23 -13.25
N GLY A 85 -13.63 21.26 -13.97
CA GLY A 85 -12.59 21.51 -14.94
C GLY A 85 -11.18 21.27 -14.43
N ALA A 86 -11.03 21.01 -13.13
CA ALA A 86 -9.70 20.82 -12.57
C ALA A 86 -9.07 19.51 -13.04
N ALA A 87 -9.89 18.52 -13.40
CA ALA A 87 -9.34 17.21 -13.68
C ALA A 87 -10.03 16.52 -14.85
N THR A 88 -9.27 15.65 -15.50
CA THR A 88 -9.81 14.60 -16.32
C THR A 88 -10.02 13.37 -15.44
N ARG A 89 -11.23 12.84 -15.46
CA ARG A 89 -11.60 11.64 -14.71
C ARG A 89 -11.76 10.47 -15.65
N LYS A 90 -11.10 9.37 -15.34
CA LYS A 90 -11.29 8.13 -16.07
C LYS A 90 -11.69 7.04 -15.09
N GLU A 91 -12.55 6.15 -15.55
CA GLU A 91 -12.87 4.92 -14.83
C GLU A 91 -12.47 3.80 -15.75
N VAL A 92 -11.78 2.80 -15.19
CA VAL A 92 -11.15 1.76 -15.99
C VAL A 92 -11.44 0.42 -15.33
N THR A 93 -11.93 -0.52 -16.13
CA THR A 93 -12.05 -1.91 -15.70
C THR A 93 -10.74 -2.60 -16.05
N VAL A 94 -10.03 -3.08 -15.04
CA VAL A 94 -8.81 -3.82 -15.22
C VAL A 94 -9.16 -5.29 -15.01
N ARG A 95 -9.21 -6.09 -16.10
CA ARG A 95 -9.59 -7.49 -16.02
C ARG A 95 -8.35 -8.35 -16.06
N PHE A 96 -8.32 -9.37 -15.19
CA PHE A 96 -7.11 -10.13 -14.95
C PHE A 96 -6.96 -11.33 -15.89
N GLY A 97 -7.70 -11.35 -16.98
CA GLY A 97 -7.56 -12.38 -18.01
C GLY A 97 -8.44 -11.96 -19.17
N ARG A 98 -8.28 -12.65 -20.29
CA ARG A 98 -8.94 -12.20 -21.52
C ARG A 98 -10.41 -12.58 -21.55
N ASP A 99 -10.73 -13.71 -20.96
CA ASP A 99 -12.10 -14.13 -20.90
C ASP A 99 -12.90 -13.10 -20.10
N PRO A 100 -14.00 -12.57 -20.64
CA PRO A 100 -14.85 -11.68 -19.83
C PRO A 100 -15.29 -12.28 -18.51
N ASN A 101 -15.19 -13.60 -18.34
CA ASN A 101 -15.49 -14.21 -17.05
C ASN A 101 -14.33 -14.12 -16.05
N ALA A 102 -13.19 -13.50 -16.43
CA ALA A 102 -12.11 -13.37 -15.47
C ALA A 102 -12.47 -12.27 -14.46
N PRO A 103 -11.96 -12.37 -13.24
CA PRO A 103 -12.18 -11.31 -12.27
C PRO A 103 -11.53 -9.99 -12.68
N SER A 104 -12.03 -8.91 -12.09
CA SER A 104 -11.77 -7.55 -12.54
C SER A 104 -11.65 -6.65 -11.30
N MET A 105 -11.06 -5.48 -11.51
CA MET A 105 -11.20 -4.42 -10.51
C MET A 105 -11.47 -3.13 -11.26
N GLN A 106 -12.04 -2.18 -10.53
CA GLN A 106 -12.46 -0.91 -11.11
C GLN A 106 -11.55 0.19 -10.60
N LEU A 107 -10.83 0.82 -11.50
CA LEU A 107 -9.89 1.87 -11.15
C LEU A 107 -10.49 3.23 -11.45
N LEU A 108 -10.35 4.15 -10.49
CA LEU A 108 -10.72 5.55 -10.66
C LEU A 108 -9.44 6.39 -10.74
N LEU A 109 -9.35 7.27 -11.75
CA LEU A 109 -8.19 8.11 -12.01
C LEU A 109 -8.64 9.54 -12.25
N TYR A 110 -8.18 10.46 -11.40
CA TYR A 110 -8.27 11.88 -11.67
C TYR A 110 -6.90 12.41 -12.11
N VAL A 111 -6.83 13.09 -13.20
CA VAL A 111 -5.57 13.63 -13.74
C VAL A 111 -5.70 15.16 -13.75
N PRO A 112 -4.71 15.88 -13.25
CA PRO A 112 -4.81 17.36 -13.23
C PRO A 112 -4.74 17.94 -14.64
N ASN A 113 -5.79 18.66 -15.02
CA ASN A 113 -5.85 19.19 -16.38
C ASN A 113 -4.75 20.21 -16.64
N ALA A 114 -4.27 20.87 -15.59
CA ALA A 114 -3.19 21.84 -15.78
C ALA A 114 -1.94 21.17 -16.33
N VAL A 115 -1.67 19.94 -15.93
CA VAL A 115 -0.50 19.24 -16.42
C VAL A 115 -0.76 18.71 -17.84
N ILE A 116 -1.89 18.03 -18.03
CA ILE A 116 -2.26 17.48 -19.33
C ILE A 116 -2.18 18.55 -20.41
N ALA A 117 -2.76 19.71 -20.10
CA ALA A 117 -2.87 20.79 -21.08
C ALA A 117 -1.52 21.27 -21.55
N ARG A 118 -0.47 21.05 -20.77
CA ARG A 118 0.89 21.38 -21.20
C ARG A 118 1.53 20.28 -22.02
N ALA A 119 0.76 19.22 -22.34
CA ALA A 119 1.29 18.04 -23.00
C ALA A 119 2.41 17.43 -22.17
N GLU A 120 2.15 17.25 -20.89
CA GLU A 120 3.08 16.58 -20.00
C GLU A 120 2.32 15.49 -19.27
N ARG A 121 3.04 14.43 -18.92
CA ARG A 121 2.45 13.32 -18.17
C ARG A 121 2.59 13.61 -16.69
N ALA A 122 1.52 13.33 -15.93
CA ALA A 122 1.48 13.64 -14.49
C ALA A 122 2.08 12.51 -13.66
N PRO A 123 2.81 12.80 -12.59
CA PRO A 123 3.11 11.75 -11.60
C PRO A 123 1.82 11.38 -10.90
N VAL A 124 1.85 10.27 -10.13
CA VAL A 124 0.60 9.70 -9.63
C VAL A 124 0.73 9.26 -8.18
N PHE A 125 -0.28 9.59 -7.36
CA PHE A 125 -0.45 8.90 -6.09
C PHE A 125 -1.44 7.76 -6.30
N LEU A 126 -1.06 6.56 -5.88
CA LEU A 126 -1.91 5.40 -6.03
C LEU A 126 -2.10 4.73 -4.70
N GLY A 127 -3.36 4.49 -4.32
CA GLY A 127 -3.69 3.68 -3.16
C GLY A 127 -5.09 3.10 -3.15
N LEU A 128 -5.26 2.05 -2.38
CA LEU A 128 -6.57 1.44 -2.27
C LEU A 128 -7.47 2.23 -1.32
N ASN A 129 -8.79 2.08 -1.49
CA ASN A 129 -9.74 2.70 -0.57
C ASN A 129 -10.52 1.63 0.17
N PHE A 130 -11.13 2.04 1.29
CA PHE A 130 -11.76 1.08 2.20
C PHE A 130 -13.18 0.70 1.80
N TYR A 131 -13.93 1.61 1.20
CA TYR A 131 -15.38 1.46 1.13
C TYR A 131 -15.95 1.66 -0.27
N GLY A 132 -15.12 1.88 -1.28
CA GLY A 132 -15.59 1.96 -2.65
C GLY A 132 -15.13 3.26 -3.26
N ASN A 133 -14.87 3.21 -4.57
CA ASN A 133 -14.41 4.41 -5.28
C ASN A 133 -15.32 5.61 -5.09
N HIS A 134 -16.63 5.38 -5.02
CA HIS A 134 -17.58 6.46 -4.84
C HIS A 134 -17.46 7.14 -3.49
N THR A 135 -16.76 6.56 -2.53
CA THR A 135 -16.63 7.17 -1.22
C THR A 135 -15.45 8.12 -1.13
N VAL A 136 -14.55 8.12 -2.12
CA VAL A 136 -13.35 8.93 -1.98
C VAL A 136 -13.65 10.38 -2.28
N HIS A 137 -14.74 10.65 -3.01
CA HIS A 137 -15.13 11.99 -3.42
C HIS A 137 -16.65 12.00 -3.61
N THR A 138 -17.28 13.17 -3.40
CA THR A 138 -18.72 13.25 -3.60
C THR A 138 -19.09 13.21 -5.08
N ASP A 139 -18.12 13.48 -5.98
CA ASP A 139 -18.32 13.47 -7.41
C ASP A 139 -19.42 12.50 -7.79
N PRO A 140 -20.60 13.01 -8.15
CA PRO A 140 -21.75 12.12 -8.38
C PRO A 140 -21.61 11.26 -9.63
N ALA A 141 -20.60 11.48 -10.47
CA ALA A 141 -20.41 10.70 -11.68
C ALA A 141 -19.66 9.41 -11.44
N ILE A 142 -19.05 9.23 -10.26
CA ILE A 142 -18.33 7.98 -10.01
C ILE A 142 -19.30 6.81 -9.98
N ALA A 143 -18.92 5.71 -10.63
CA ALA A 143 -19.76 4.52 -10.59
C ALA A 143 -19.86 4.00 -9.15
N LEU A 144 -21.07 3.72 -8.69
CA LEU A 144 -21.22 3.10 -7.38
C LEU A 144 -20.63 1.69 -7.42
N SER A 145 -19.84 1.33 -6.41
CA SER A 145 -19.31 -0.03 -6.37
C SER A 145 -20.45 -1.03 -6.37
N ALA A 146 -20.38 -2.00 -7.27
CA ALA A 146 -21.35 -3.09 -7.31
C ALA A 146 -20.90 -4.30 -6.50
N ARG A 147 -19.87 -4.14 -5.66
CA ARG A 147 -19.35 -5.25 -4.87
C ARG A 147 -19.87 -5.18 -3.44
N TRP A 148 -19.68 -6.28 -2.73
CA TRP A 148 -19.94 -6.33 -1.31
C TRP A 148 -19.12 -5.27 -0.59
N ILE A 149 -19.78 -4.50 0.28
CA ILE A 149 -19.12 -3.49 1.11
C ILE A 149 -19.36 -3.80 2.58
N PRO A 150 -18.35 -3.67 3.44
CA PRO A 150 -18.52 -4.10 4.84
C PRO A 150 -19.59 -3.30 5.56
N ALA A 151 -20.13 -3.93 6.61
CA ALA A 151 -21.17 -3.29 7.42
C ALA A 151 -20.67 -1.98 8.02
N GLU A 152 -19.38 -1.87 8.31
CA GLU A 152 -18.84 -0.66 8.91
C GLU A 152 -18.83 0.53 7.96
N ALA A 153 -18.92 0.31 6.65
CA ALA A 153 -18.88 1.43 5.72
C ALA A 153 -19.95 2.45 6.09
N PRO A 154 -19.64 3.74 6.05
CA PRO A 154 -20.66 4.75 6.37
C PRO A 154 -21.80 4.71 5.38
N ASN A 155 -23.03 4.64 5.91
CA ASN A 155 -24.27 4.77 5.15
C ASN A 155 -24.45 3.68 4.10
N GLY A 156 -23.75 2.56 4.22
CA GLY A 156 -24.10 1.40 3.42
C GLY A 156 -25.45 0.84 3.84
N ALA A 157 -26.12 0.20 2.88
CA ALA A 157 -27.42 -0.43 3.13
C ALA A 157 -27.37 -1.87 2.65
N ASN A 158 -27.41 -2.81 3.61
CA ASN A 158 -27.46 -4.23 3.31
C ASN A 158 -26.17 -4.72 2.63
N HIS A 159 -25.05 -4.04 2.89
CA HIS A 159 -23.76 -4.35 2.30
C HIS A 159 -23.71 -4.04 0.81
N ARG A 160 -24.59 -3.18 0.33
CA ARG A 160 -24.59 -2.70 -1.04
C ARG A 160 -24.33 -1.19 -1.02
N ALA A 161 -23.70 -0.70 -2.06
CA ALA A 161 -23.41 0.73 -2.14
C ALA A 161 -24.68 1.52 -2.37
N THR A 162 -24.83 2.62 -1.64
CA THR A 162 -25.90 3.58 -1.80
C THR A 162 -25.31 4.94 -2.18
N GLU A 163 -26.13 5.83 -2.74
CA GLU A 163 -25.61 7.16 -3.06
C GLU A 163 -25.47 8.04 -1.83
N ALA A 164 -25.98 7.61 -0.68
CA ALA A 164 -25.66 8.30 0.57
C ALA A 164 -24.23 8.02 1.02
N ALA A 165 -23.60 6.99 0.48
CA ALA A 165 -22.20 6.73 0.78
C ALA A 165 -21.26 7.59 -0.05
N ARG A 166 -21.75 8.31 -1.06
CA ARG A 166 -20.86 9.11 -1.88
C ARG A 166 -20.11 10.14 -1.07
N GLY A 167 -18.79 10.15 -1.24
CA GLY A 167 -17.94 11.07 -0.52
C GLY A 167 -17.82 10.78 0.96
N SER A 168 -18.31 9.62 1.42
CA SER A 168 -18.30 9.34 2.85
C SER A 168 -16.90 9.14 3.41
N ASP A 169 -15.89 8.85 2.59
CA ASP A 169 -14.51 8.72 3.07
C ASP A 169 -13.60 9.81 2.49
N ALA A 170 -14.19 10.93 2.07
CA ALA A 170 -13.43 11.98 1.43
C ALA A 170 -12.39 12.61 2.35
N GLN A 171 -12.57 12.54 3.65
CA GLN A 171 -11.61 13.16 4.56
C GLN A 171 -10.22 12.55 4.40
N LYS A 172 -10.15 11.28 4.02
CA LYS A 172 -8.87 10.62 3.80
C LYS A 172 -8.27 10.92 2.44
N TRP A 173 -9.00 11.64 1.59
CA TRP A 173 -8.69 11.79 0.18
C TRP A 173 -8.80 13.26 -0.24
N PRO A 174 -7.76 14.05 -0.02
CA PRO A 174 -7.81 15.47 -0.45
C PRO A 174 -7.45 15.62 -1.94
N VAL A 175 -8.38 15.16 -2.77
CA VAL A 175 -8.14 15.04 -4.20
C VAL A 175 -7.77 16.38 -4.82
N GLU A 176 -8.57 17.41 -4.52
CA GLU A 176 -8.34 18.72 -5.12
C GLU A 176 -6.96 19.27 -4.77
N GLN A 177 -6.52 19.10 -3.52
CA GLN A 177 -5.18 19.53 -3.15
C GLN A 177 -4.11 18.74 -3.88
N ILE A 178 -4.27 17.41 -3.98
CA ILE A 178 -3.31 16.59 -4.70
C ILE A 178 -3.22 17.03 -6.15
N LEU A 179 -4.36 17.24 -6.82
CA LEU A 179 -4.37 17.70 -8.20
C LEU A 179 -3.72 19.06 -8.35
N ALA A 180 -4.02 19.98 -7.41
CA ALA A 180 -3.45 21.32 -7.45
C ALA A 180 -1.93 21.30 -7.30
N ARG A 181 -1.38 20.27 -6.66
CA ARG A 181 0.06 20.12 -6.52
C ARG A 181 0.70 19.38 -7.70
N GLY A 182 -0.08 19.04 -8.71
CA GLY A 182 0.43 18.46 -9.94
C GLY A 182 0.42 16.95 -10.00
N TYR A 183 -0.30 16.28 -9.11
CA TYR A 183 -0.32 14.83 -9.10
C TYR A 183 -1.69 14.31 -9.53
N ALA A 184 -1.69 13.23 -10.31
CA ALA A 184 -2.89 12.45 -10.49
C ALA A 184 -3.20 11.64 -9.21
N VAL A 185 -4.46 11.24 -9.11
CA VAL A 185 -4.94 10.40 -8.01
C VAL A 185 -5.59 9.18 -8.62
N ALA A 186 -5.11 7.99 -8.25
CA ALA A 186 -5.66 6.74 -8.72
C ALA A 186 -6.07 5.89 -7.52
N THR A 187 -7.20 5.22 -7.62
CA THR A 187 -7.63 4.38 -6.50
C THR A 187 -8.48 3.22 -6.98
N VAL A 188 -8.50 2.17 -6.15
CA VAL A 188 -9.30 0.97 -6.34
C VAL A 188 -9.82 0.55 -4.98
N TYR A 189 -11.09 0.10 -4.91
CA TYR A 189 -11.69 -0.40 -3.69
C TYR A 189 -11.02 -1.73 -3.35
N CYS A 190 -10.49 -1.85 -2.15
CA CYS A 190 -9.80 -3.07 -1.78
C CYS A 190 -10.66 -4.32 -1.92
N GLY A 191 -11.97 -4.17 -1.78
CA GLY A 191 -12.83 -5.33 -1.85
C GLY A 191 -13.04 -5.88 -3.24
N ASP A 192 -12.64 -5.11 -4.26
CA ASP A 192 -12.59 -5.67 -5.61
C ASP A 192 -11.65 -6.84 -5.65
N LEU A 193 -10.60 -6.82 -4.84
CA LEU A 193 -9.54 -7.79 -4.83
C LEU A 193 -9.75 -8.87 -3.77
N CYS A 194 -10.09 -8.44 -2.58
CA CYS A 194 -10.49 -9.35 -1.52
C CYS A 194 -11.43 -8.57 -0.60
N PRO A 195 -12.70 -8.92 -0.56
CA PRO A 195 -13.60 -8.36 0.46
C PRO A 195 -13.00 -8.54 1.84
N ASP A 196 -13.07 -7.47 2.66
CA ASP A 196 -12.43 -7.46 3.96
C ASP A 196 -13.38 -8.02 5.01
N ARG A 197 -13.44 -9.35 5.01
CA ARG A 197 -14.23 -10.14 5.96
C ARG A 197 -13.52 -11.50 6.02
N PRO A 198 -13.65 -12.21 7.15
CA PRO A 198 -12.84 -13.43 7.29
C PRO A 198 -13.11 -14.47 6.22
N ASP A 199 -14.25 -14.43 5.53
CA ASP A 199 -14.57 -15.38 4.48
C ASP A 199 -14.32 -14.81 3.07
N GLY A 200 -13.71 -13.62 2.96
CA GLY A 200 -13.58 -12.93 1.70
C GLY A 200 -12.62 -13.59 0.73
N LEU A 201 -11.67 -14.40 1.23
CA LEU A 201 -10.75 -15.02 0.28
C LEU A 201 -11.45 -16.00 -0.65
N ASN A 202 -12.60 -16.55 -0.26
CA ASN A 202 -13.30 -17.46 -1.17
C ASN A 202 -14.05 -16.72 -2.26
N ALA A 203 -14.16 -15.41 -2.16
CA ALA A 203 -14.73 -14.58 -3.22
C ALA A 203 -13.68 -13.59 -3.68
N SER A 204 -12.46 -14.08 -3.91
CA SER A 204 -11.30 -13.23 -4.10
C SER A 204 -10.57 -13.59 -5.39
N VAL A 205 -9.68 -12.68 -5.78
CA VAL A 205 -8.66 -13.00 -6.77
C VAL A 205 -7.93 -14.28 -6.39
N ALA A 206 -7.70 -14.52 -5.09
CA ALA A 206 -7.03 -15.74 -4.69
C ALA A 206 -7.87 -16.98 -5.04
N SER A 207 -9.18 -16.86 -4.87
CA SER A 207 -10.08 -17.98 -5.20
C SER A 207 -10.00 -18.35 -6.67
N TRP A 208 -9.73 -17.39 -7.53
CA TRP A 208 -9.75 -17.63 -8.97
C TRP A 208 -8.45 -18.26 -9.44
N LEU A 209 -7.37 -17.75 -8.89
CA LEU A 209 -6.08 -18.21 -9.20
C LEU A 209 -5.83 -19.50 -8.49
N ASP A 210 -6.62 -19.79 -7.45
CA ASP A 210 -6.39 -21.04 -6.81
C ASP A 210 -6.88 -22.19 -7.62
N ALA A 211 -5.93 -22.89 -8.17
CA ALA A 211 -6.22 -24.05 -8.93
C ALA A 211 -6.27 -25.26 -8.04
N ALA A 212 -5.86 -25.13 -6.78
CA ALA A 212 -5.96 -26.25 -5.92
C ALA A 212 -7.44 -26.41 -5.79
N ALA A 213 -7.93 -27.46 -6.38
CA ALA A 213 -9.36 -27.71 -6.27
C ALA A 213 -9.81 -27.80 -4.82
N GLY A 214 -8.88 -28.06 -3.90
CA GLY A 214 -9.23 -28.29 -2.52
C GLY A 214 -9.82 -27.07 -1.82
N ASP A 215 -10.26 -27.33 -0.61
CA ASP A 215 -10.91 -26.29 0.18
C ASP A 215 -9.99 -25.39 0.98
N GLN A 216 -9.20 -25.97 1.87
CA GLN A 216 -8.41 -25.18 2.79
C GLN A 216 -7.25 -24.52 2.06
N ARG A 217 -7.06 -23.22 2.24
CA ARG A 217 -5.88 -22.63 1.63
C ARG A 217 -4.64 -23.21 2.31
N ALA A 218 -3.59 -23.35 1.51
CA ALA A 218 -2.34 -23.88 1.99
C ALA A 218 -1.77 -23.00 3.09
N PRO A 219 -0.89 -23.57 3.92
CA PRO A 219 -0.31 -22.79 5.01
C PRO A 219 0.45 -21.58 4.51
N ASP A 220 1.10 -21.67 3.37
CA ASP A 220 1.90 -20.58 2.83
C ASP A 220 1.15 -19.78 1.79
N ALA A 221 -0.16 -19.97 1.69
CA ALA A 221 -0.92 -19.24 0.70
C ALA A 221 -1.22 -17.82 1.17
N TRP A 222 -1.26 -16.91 0.23
CA TRP A 222 -1.51 -15.52 0.57
C TRP A 222 -2.91 -15.31 1.11
N GLY A 223 -3.04 -14.20 1.85
CA GLY A 223 -4.30 -13.66 2.33
C GLY A 223 -4.61 -12.32 1.74
N ALA A 224 -5.48 -11.58 2.44
CA ALA A 224 -5.99 -10.32 1.93
C ALA A 224 -4.85 -9.33 1.64
N ILE A 225 -3.88 -9.23 2.54
CA ILE A 225 -2.85 -8.21 2.35
C ILE A 225 -2.04 -8.50 1.07
N GLY A 226 -1.71 -9.76 0.82
CA GLY A 226 -1.01 -10.13 -0.41
C GLY A 226 -1.83 -9.88 -1.65
N VAL A 227 -3.13 -10.17 -1.57
CA VAL A 227 -4.05 -9.94 -2.68
C VAL A 227 -4.24 -8.45 -2.93
N TRP A 228 -4.39 -7.66 -1.87
CA TRP A 228 -4.47 -6.20 -2.02
C TRP A 228 -3.19 -5.65 -2.66
N ALA A 229 -2.03 -6.10 -2.20
CA ALA A 229 -0.78 -5.60 -2.72
C ALA A 229 -0.63 -5.92 -4.21
N TRP A 230 -1.04 -7.12 -4.61
CA TRP A 230 -1.01 -7.55 -6.01
C TRP A 230 -1.91 -6.66 -6.85
N GLY A 231 -3.08 -6.28 -6.32
CA GLY A 231 -3.95 -5.34 -7.04
C GLY A 231 -3.29 -4.02 -7.32
N LEU A 232 -2.50 -3.54 -6.35
CA LEU A 232 -1.81 -2.28 -6.58
C LEU A 232 -0.82 -2.36 -7.73
N SER A 233 -0.06 -3.45 -7.83
CA SER A 233 0.82 -3.67 -8.96
C SER A 233 0.05 -3.81 -10.27
N ARG A 234 -1.14 -4.42 -10.25
CA ARG A 234 -1.96 -4.46 -11.46
C ARG A 234 -2.47 -3.06 -11.84
N ALA A 235 -2.78 -2.22 -10.85
CA ALA A 235 -3.07 -0.80 -11.13
C ALA A 235 -1.90 -0.13 -11.82
N LEU A 236 -0.69 -0.42 -11.37
CA LEU A 236 0.50 0.15 -11.99
C LEU A 236 0.63 -0.31 -13.43
N ASP A 237 0.33 -1.59 -13.68
CA ASP A 237 0.31 -2.09 -15.05
C ASP A 237 -0.58 -1.21 -15.93
N TYR A 238 -1.76 -0.84 -15.42
CA TYR A 238 -2.66 0.01 -16.17
C TYR A 238 -2.05 1.38 -16.39
N LEU A 239 -1.46 1.96 -15.32
CA LEU A 239 -0.93 3.31 -15.45
C LEU A 239 0.17 3.42 -16.50
N GLU A 240 0.96 2.35 -16.69
CA GLU A 240 1.93 2.30 -17.78
C GLU A 240 1.29 2.57 -19.12
N THR A 241 0.09 2.07 -19.36
CA THR A 241 -0.54 2.19 -20.67
C THR A 241 -1.27 3.51 -20.84
N ASP A 242 -1.51 4.24 -19.76
CA ASP A 242 -2.37 5.42 -19.86
C ASP A 242 -1.52 6.62 -20.26
N PRO A 243 -1.78 7.24 -21.41
CA PRO A 243 -0.86 8.28 -21.91
C PRO A 243 -0.86 9.55 -21.08
N LEU A 244 -1.76 9.68 -20.11
CA LEU A 244 -1.88 10.90 -19.34
C LEU A 244 -0.97 10.95 -18.13
N VAL A 245 -0.35 9.81 -17.74
CA VAL A 245 0.40 9.76 -16.50
C VAL A 245 1.75 9.13 -16.74
N ASP A 246 2.67 9.45 -15.85
CA ASP A 246 4.02 8.90 -15.88
C ASP A 246 4.11 7.80 -14.84
N ALA A 247 4.06 6.56 -15.32
CA ALA A 247 4.09 5.39 -14.45
C ALA A 247 5.46 5.11 -13.87
N SER A 248 6.49 5.85 -14.29
CA SER A 248 7.78 5.77 -13.61
C SER A 248 7.83 6.67 -12.36
N ARG A 249 6.76 7.43 -12.10
CA ARG A 249 6.70 8.34 -10.95
C ARG A 249 5.40 8.13 -10.19
N VAL A 250 5.23 6.93 -9.66
CA VAL A 250 4.04 6.55 -8.91
C VAL A 250 4.42 6.37 -7.44
N ALA A 251 3.76 7.14 -6.58
CA ALA A 251 3.82 6.98 -5.14
C ALA A 251 2.68 6.08 -4.73
N VAL A 252 3.01 4.89 -4.19
CA VAL A 252 2.02 3.96 -3.69
C VAL A 252 1.89 4.21 -2.18
N HIS A 253 0.67 4.38 -1.72
CA HIS A 253 0.37 4.83 -0.36
C HIS A 253 -0.79 3.99 0.16
N GLY A 254 -0.86 3.85 1.49
CA GLY A 254 -2.02 3.25 2.10
C GLY A 254 -2.14 3.69 3.54
N HIS A 255 -3.37 3.69 4.03
CA HIS A 255 -3.68 3.92 5.43
C HIS A 255 -3.92 2.59 6.10
N SER A 256 -3.25 2.37 7.23
N SER A 256 -3.36 2.41 7.30
CA SER A 256 -3.57 1.27 8.15
CA SER A 256 -3.53 1.24 8.16
C SER A 256 -3.47 -0.07 7.42
C SER A 256 -3.45 -0.08 7.38
N ARG A 257 -4.52 -0.89 7.40
CA ARG A 257 -4.43 -2.21 6.77
C ARG A 257 -4.09 -2.10 5.29
N LEU A 258 -4.52 -1.03 4.64
CA LEU A 258 -4.18 -0.80 3.25
C LEU A 258 -2.78 -0.21 3.08
N GLY A 259 -2.20 0.32 4.16
CA GLY A 259 -0.78 0.64 4.20
C GLY A 259 0.09 -0.57 4.44
N LYS A 260 -0.40 -1.56 5.17
CA LYS A 260 0.30 -2.84 5.16
C LYS A 260 0.41 -3.37 3.74
N ALA A 261 -0.69 -3.27 2.97
CA ALA A 261 -0.70 -3.68 1.57
C ALA A 261 0.24 -2.82 0.75
N ALA A 262 0.25 -1.51 0.98
CA ALA A 262 1.14 -0.64 0.20
C ALA A 262 2.60 -0.96 0.46
N LEU A 263 2.97 -1.25 1.70
CA LEU A 263 4.35 -1.63 1.97
C LEU A 263 4.70 -2.94 1.24
N TRP A 264 3.84 -3.96 1.36
CA TRP A 264 4.16 -5.22 0.70
C TRP A 264 4.18 -5.08 -0.81
N ALA A 265 3.29 -4.24 -1.38
CA ALA A 265 3.35 -4.01 -2.82
C ALA A 265 4.65 -3.30 -3.20
N GLY A 266 5.00 -2.27 -2.45
CA GLY A 266 6.22 -1.52 -2.74
C GLY A 266 7.48 -2.34 -2.57
N ALA A 267 7.47 -3.30 -1.64
CA ALA A 267 8.64 -4.15 -1.43
C ALA A 267 8.78 -5.17 -2.55
N GLN A 268 7.66 -5.75 -3.00
CA GLN A 268 7.73 -6.78 -4.02
C GLN A 268 7.95 -6.23 -5.42
N ASP A 269 7.54 -4.98 -5.68
CA ASP A 269 7.42 -4.43 -7.03
C ASP A 269 8.25 -3.15 -7.05
N ASP A 270 9.50 -3.29 -7.47
CA ASP A 270 10.41 -2.15 -7.40
C ASP A 270 10.15 -1.15 -8.50
N ARG A 271 9.08 -1.30 -9.28
CA ARG A 271 8.72 -0.25 -10.22
C ARG A 271 8.13 0.98 -9.51
N PHE A 272 7.46 0.76 -8.40
CA PHE A 272 6.93 1.84 -7.58
C PHE A 272 8.02 2.82 -7.16
N ALA A 273 7.79 4.10 -7.47
CA ALA A 273 8.86 5.07 -7.29
C ALA A 273 9.04 5.50 -5.84
N LEU A 274 7.97 5.44 -5.06
CA LEU A 274 7.91 5.99 -3.72
C LEU A 274 6.82 5.22 -2.98
N VAL A 275 7.04 4.96 -1.70
CA VAL A 275 6.15 4.13 -0.89
C VAL A 275 5.83 4.90 0.38
N ILE A 276 4.55 4.94 0.75
CA ILE A 276 4.03 5.63 1.94
C ILE A 276 3.19 4.67 2.78
N SER A 277 3.58 4.52 4.05
CA SER A 277 2.87 3.75 5.05
C SER A 277 2.30 4.73 6.07
N ASN A 278 1.00 4.99 6.00
CA ASN A 278 0.32 5.87 6.95
C ASN A 278 -0.29 5.00 8.03
N GLU A 279 0.40 4.90 9.15
CA GLU A 279 -0.10 4.22 10.35
C GLU A 279 -0.49 2.78 10.08
N SER A 280 0.44 2.03 9.49
CA SER A 280 0.14 0.66 9.09
C SER A 280 0.26 -0.31 10.26
N GLY A 281 0.95 0.06 11.34
CA GLY A 281 0.88 -0.80 12.53
C GLY A 281 1.42 -2.22 12.38
N CYS A 282 0.75 -3.14 13.08
CA CYS A 282 1.21 -4.50 13.24
C CYS A 282 1.18 -5.25 11.91
N GLY A 283 2.30 -5.86 11.54
CA GLY A 283 2.39 -6.51 10.24
C GLY A 283 2.53 -5.54 9.10
N GLY A 284 2.74 -4.28 9.45
CA GLY A 284 3.09 -3.29 8.48
C GLY A 284 4.45 -2.74 8.84
N ALA A 285 4.46 -1.54 9.41
CA ALA A 285 5.72 -0.89 9.75
C ALA A 285 6.18 -1.21 11.17
N ALA A 286 5.27 -1.61 12.06
CA ALA A 286 5.63 -1.80 13.45
C ALA A 286 6.40 -3.11 13.66
N LEU A 287 7.42 -3.05 14.49
CA LEU A 287 8.15 -4.23 14.89
C LEU A 287 7.23 -5.18 15.64
N SER A 288 7.20 -6.43 15.18
CA SER A 288 6.42 -7.46 15.86
C SER A 288 7.11 -7.91 17.13
N LYS A 289 8.45 -7.90 17.13
CA LYS A 289 9.20 -8.44 18.26
C LYS A 289 9.17 -7.50 19.46
N ARG A 290 8.81 -6.24 19.22
CA ARG A 290 8.42 -5.30 20.25
C ARG A 290 6.97 -5.59 20.60
N ILE A 291 6.72 -6.03 21.82
CA ILE A 291 5.40 -6.55 22.17
C ILE A 291 4.61 -5.35 22.66
N HIS A 292 3.91 -4.69 21.74
CA HIS A 292 3.28 -3.43 22.11
C HIS A 292 2.11 -3.17 21.20
N GLY A 293 1.01 -2.76 21.80
CA GLY A 293 -0.24 -2.55 21.07
C GLY A 293 -0.74 -3.86 20.49
N GLU A 294 -1.12 -3.81 19.23
CA GLU A 294 -1.56 -5.00 18.56
C GLU A 294 -0.40 -5.98 18.44
N THR A 295 -0.67 -7.25 18.71
CA THR A 295 0.34 -8.28 18.60
C THR A 295 -0.01 -9.26 17.47
N VAL A 296 0.92 -10.15 17.15
CA VAL A 296 0.67 -11.17 16.10
C VAL A 296 -0.55 -12.03 16.45
N ALA A 297 -0.64 -12.50 17.71
CA ALA A 297 -1.82 -13.29 18.06
C ALA A 297 -3.10 -12.49 17.92
N ARG A 298 -3.07 -11.22 18.34
CA ARG A 298 -4.28 -10.40 18.26
C ARG A 298 -4.71 -10.17 16.81
N ILE A 299 -3.75 -9.88 15.91
CA ILE A 299 -4.14 -9.55 14.54
C ILE A 299 -4.63 -10.80 13.80
N ASN A 300 -4.00 -11.96 14.05
CA ASN A 300 -4.44 -13.18 13.37
C ASN A 300 -5.76 -13.71 13.93
N THR A 301 -6.01 -13.46 15.22
CA THR A 301 -7.28 -13.90 15.78
C THR A 301 -8.42 -13.10 15.21
N VAL A 302 -8.23 -11.78 15.11
CA VAL A 302 -9.32 -10.90 14.71
C VAL A 302 -9.44 -10.87 13.20
N PHE A 303 -8.32 -11.00 12.47
CA PHE A 303 -8.29 -10.85 11.02
C PHE A 303 -7.59 -12.07 10.44
N PRO A 304 -8.19 -13.24 10.59
CA PRO A 304 -7.49 -14.48 10.19
C PRO A 304 -7.27 -14.61 8.70
N HIS A 305 -7.95 -13.82 7.87
CA HIS A 305 -7.76 -13.83 6.43
C HIS A 305 -6.64 -12.90 5.93
N TRP A 306 -6.06 -12.06 6.82
CA TRP A 306 -5.16 -11.03 6.33
C TRP A 306 -3.78 -11.59 5.96
N PHE A 307 -3.28 -12.54 6.74
CA PHE A 307 -1.94 -13.04 6.55
C PHE A 307 -1.98 -14.49 6.10
N ALA A 308 -0.81 -15.08 5.94
CA ALA A 308 -0.70 -16.51 5.71
C ALA A 308 -1.08 -17.22 6.99
N ARG A 309 -1.67 -18.40 6.87
CA ARG A 309 -1.81 -19.25 8.03
C ARG A 309 -0.46 -19.49 8.70
N ASN A 310 0.66 -19.48 7.93
CA ASN A 310 1.97 -19.69 8.55
C ASN A 310 2.29 -18.61 9.59
N PHE A 311 1.75 -17.41 9.44
CA PHE A 311 2.02 -16.34 10.40
C PHE A 311 1.46 -16.69 11.79
N ARG A 312 0.49 -17.60 11.84
CA ARG A 312 -0.13 -17.99 13.10
C ARG A 312 0.83 -18.79 13.97
N ARG A 313 1.87 -19.35 13.36
CA ARG A 313 2.92 -20.00 14.14
C ARG A 313 3.53 -19.04 15.15
N TYR A 314 3.50 -17.75 14.86
CA TYR A 314 4.16 -16.75 15.67
C TYR A 314 3.21 -16.07 16.65
N ASP A 315 1.96 -16.53 16.73
CA ASP A 315 1.08 -16.09 17.81
C ASP A 315 1.75 -16.33 19.16
N ASP A 316 1.97 -15.24 19.90
CA ASP A 316 2.64 -15.28 21.21
C ASP A 316 3.97 -16.02 21.15
N HIS A 317 4.63 -15.95 19.99
CA HIS A 317 5.92 -16.59 19.72
C HIS A 317 6.75 -15.69 18.80
N GLU A 318 6.61 -14.39 18.97
CA GLU A 318 7.31 -13.43 18.14
C GLU A 318 8.81 -13.63 18.19
N GLU A 319 9.33 -14.15 19.30
CA GLU A 319 10.78 -14.37 19.38
C GLU A 319 11.26 -15.30 18.29
N ALA A 320 10.38 -16.16 17.76
CA ALA A 320 10.74 -17.12 16.74
C ALA A 320 10.64 -16.57 15.32
N LEU A 321 10.13 -15.37 15.17
CA LEU A 321 10.05 -14.79 13.84
C LEU A 321 11.46 -14.69 13.27
N PRO A 322 11.67 -15.17 12.04
CA PRO A 322 13.00 -15.07 11.42
C PRO A 322 13.27 -13.71 10.80
N VAL A 323 12.25 -12.86 10.71
CA VAL A 323 12.38 -11.51 10.17
C VAL A 323 11.64 -10.59 11.13
N ASP A 324 11.84 -9.28 10.98
CA ASP A 324 10.86 -8.38 11.53
C ASP A 324 10.62 -7.28 10.50
N GLN A 325 9.70 -6.36 10.83
CA GLN A 325 9.18 -5.45 9.81
C GLN A 325 10.21 -4.41 9.34
N HIS A 326 11.28 -4.18 10.10
CA HIS A 326 12.34 -3.33 9.58
C HIS A 326 12.91 -3.89 8.28
N GLU A 327 12.92 -5.21 8.14
CA GLU A 327 13.40 -5.83 6.91
C GLU A 327 12.42 -5.64 5.75
N LEU A 328 11.13 -5.50 6.05
CA LEU A 328 10.17 -5.16 5.00
C LEU A 328 10.40 -3.74 4.51
N LEU A 329 10.57 -2.82 5.45
CA LEU A 329 10.93 -1.44 5.09
C LEU A 329 12.20 -1.43 4.26
N ALA A 330 13.21 -2.23 4.63
CA ALA A 330 14.48 -2.23 3.94
C ALA A 330 14.35 -2.71 2.49
N LEU A 331 13.31 -3.50 2.18
CA LEU A 331 13.04 -3.97 0.84
C LEU A 331 12.60 -2.86 -0.11
N VAL A 332 12.28 -1.69 0.42
CA VAL A 332 12.00 -0.53 -0.44
C VAL A 332 13.28 0.16 -0.90
N ALA A 333 14.36 0.08 -0.11
CA ALA A 333 15.57 0.81 -0.47
C ALA A 333 16.06 0.39 -1.86
N PRO A 334 16.60 1.33 -2.65
CA PRO A 334 16.88 2.72 -2.28
C PRO A 334 15.79 3.73 -2.64
N ARG A 335 14.62 3.23 -3.01
CA ARG A 335 13.50 4.08 -3.34
C ARG A 335 12.99 4.79 -2.08
N PRO A 336 12.50 6.02 -2.20
CA PRO A 336 12.08 6.74 -1.00
C PRO A 336 10.90 6.07 -0.34
N LEU A 337 10.95 6.06 0.99
CA LEU A 337 9.99 5.42 1.86
C LEU A 337 9.61 6.37 2.98
N TYR A 338 8.31 6.59 3.15
CA TYR A 338 7.77 7.42 4.23
C TYR A 338 6.94 6.54 5.15
N VAL A 339 7.29 6.50 6.44
CA VAL A 339 6.53 5.80 7.46
C VAL A 339 6.03 6.85 8.43
N ALA A 340 4.75 6.83 8.75
CA ALA A 340 4.25 7.81 9.71
C ALA A 340 3.26 7.22 10.70
N SER A 341 3.15 7.93 11.83
CA SER A 341 2.37 7.48 12.97
C SER A 341 1.49 8.62 13.48
N ALA A 342 0.54 8.22 14.30
CA ALA A 342 -0.27 9.15 15.08
C ALA A 342 0.02 8.96 16.57
N GLU A 343 0.10 10.10 17.27
CA GLU A 343 0.52 10.13 18.66
C GLU A 343 -0.33 9.24 19.57
N ASP A 344 -1.64 9.24 19.39
CA ASP A 344 -2.53 8.48 20.28
C ASP A 344 -2.75 7.03 19.82
N ASP A 345 -2.12 6.63 18.73
CA ASP A 345 -2.41 5.38 18.02
C ASP A 345 -1.56 4.24 18.58
N ASP A 346 -1.71 4.03 19.89
CA ASP A 346 -0.90 3.04 20.59
C ASP A 346 -1.03 1.64 19.96
N TRP A 347 -2.22 1.32 19.46
CA TRP A 347 -2.47 0.02 18.86
C TRP A 347 -1.51 -0.24 17.70
N ALA A 348 -1.12 0.81 16.95
CA ALA A 348 -0.17 0.67 15.83
C ALA A 348 1.27 0.66 16.29
N ASP A 349 1.49 1.04 17.55
CA ASP A 349 2.78 1.14 18.19
C ASP A 349 3.67 2.14 17.44
N PRO A 350 3.35 3.44 17.55
CA PRO A 350 4.20 4.46 16.92
C PRO A 350 5.69 4.27 17.22
N ARG A 351 6.08 4.01 18.47
CA ARG A 351 7.51 3.85 18.73
C ARG A 351 8.07 2.67 17.95
N GLY A 352 7.30 1.56 17.83
CA GLY A 352 7.75 0.41 17.07
C GLY A 352 7.83 0.65 15.56
N GLU A 353 6.97 1.53 15.05
CA GLU A 353 7.07 1.96 13.67
C GLU A 353 8.32 2.81 13.45
N PHE A 354 8.61 3.73 14.39
CA PHE A 354 9.84 4.51 14.30
C PHE A 354 11.08 3.61 14.42
N LEU A 355 11.06 2.65 15.34
CA LEU A 355 12.25 1.85 15.55
C LEU A 355 12.47 0.90 14.38
N ALA A 356 11.39 0.51 13.70
CA ALA A 356 11.56 -0.22 12.44
C ALA A 356 12.28 0.60 11.38
N VAL A 357 11.90 1.88 11.23
CA VAL A 357 12.62 2.81 10.35
C VAL A 357 14.11 2.83 10.72
N LYS A 358 14.40 3.02 12.02
CA LYS A 358 15.81 3.11 12.44
C LYS A 358 16.56 1.81 12.17
N ALA A 359 15.91 0.67 12.34
CA ALA A 359 16.59 -0.60 12.06
C ALA A 359 16.70 -0.92 10.57
N ALA A 360 15.90 -0.26 9.71
CA ALA A 360 16.04 -0.38 8.27
C ALA A 360 17.06 0.62 7.72
N GLU A 361 17.34 1.66 8.49
CA GLU A 361 18.19 2.73 7.99
C GLU A 361 19.54 2.25 7.49
N PRO A 362 20.21 1.26 8.08
CA PRO A 362 21.52 0.86 7.55
C PRO A 362 21.45 0.41 6.11
N VAL A 363 20.33 -0.16 5.67
CA VAL A 363 20.21 -0.57 4.29
C VAL A 363 20.07 0.65 3.39
N PHE A 364 19.28 1.62 3.80
CA PHE A 364 19.22 2.86 3.03
C PHE A 364 20.56 3.54 2.99
N ARG A 365 21.32 3.48 4.08
CA ARG A 365 22.62 4.14 4.13
C ARG A 365 23.62 3.45 3.20
N LEU A 366 23.50 2.13 3.06
CA LEU A 366 24.29 1.40 2.07
C LEU A 366 24.19 2.02 0.68
N PHE A 367 23.01 2.50 0.31
CA PHE A 367 22.74 3.17 -0.95
C PHE A 367 22.93 4.68 -0.88
N GLY A 368 23.57 5.18 0.18
CA GLY A 368 23.84 6.61 0.25
C GLY A 368 22.67 7.49 0.68
N GLN A 369 21.59 6.90 1.17
CA GLN A 369 20.43 7.66 1.62
C GLN A 369 20.46 7.78 3.13
N THR A 370 19.70 8.73 3.66
CA THR A 370 19.71 9.00 5.09
C THR A 370 18.33 8.82 5.72
N GLY A 371 18.32 8.31 6.95
CA GLY A 371 17.10 8.17 7.72
C GLY A 371 16.93 9.26 8.77
N PRO A 372 15.93 9.11 9.63
CA PRO A 372 15.74 10.09 10.70
C PRO A 372 17.04 10.39 11.44
N SER A 373 17.29 11.69 11.60
CA SER A 373 18.32 12.14 12.53
C SER A 373 17.92 11.73 13.95
N GLY A 374 18.88 11.23 14.69
CA GLY A 374 18.65 10.94 16.09
C GLY A 374 18.01 9.59 16.32
N GLU A 375 17.91 9.28 17.61
CA GLU A 375 17.69 7.93 18.08
C GLU A 375 16.28 7.69 18.61
N ASP A 376 15.55 8.74 18.98
CA ASP A 376 14.21 8.52 19.50
C ASP A 376 13.19 9.31 18.69
N VAL A 377 11.92 9.03 18.99
CA VAL A 377 10.78 9.51 18.20
C VAL A 377 10.85 11.02 18.10
N PRO A 378 10.78 11.60 16.90
CA PRO A 378 10.80 13.06 16.78
C PRO A 378 9.58 13.69 17.41
N ARG A 379 9.63 15.00 17.61
N ARG A 379 9.64 15.00 17.58
CA ARG A 379 8.48 15.69 18.16
CA ARG A 379 8.51 15.77 18.10
C ARG A 379 7.38 15.76 17.11
C ARG A 379 7.37 15.74 17.09
N VAL A 380 6.15 15.94 17.59
CA VAL A 380 4.98 15.93 16.70
C VAL A 380 5.17 16.97 15.62
N ASN A 381 4.76 16.60 14.40
CA ASN A 381 4.72 17.47 13.22
C ASN A 381 6.10 18.03 12.80
N GLU A 382 7.14 17.27 13.08
CA GLU A 382 8.51 17.58 12.70
C GLU A 382 9.06 16.34 12.00
N PRO A 383 8.77 16.17 10.71
CA PRO A 383 9.32 15.04 9.94
C PRO A 383 10.83 15.02 10.03
N SER A 384 11.40 13.81 10.03
CA SER A 384 12.83 13.61 10.14
C SER A 384 13.23 12.55 9.11
N GLY A 385 14.28 12.84 8.34
CA GLY A 385 14.82 11.89 7.40
C GLY A 385 14.99 12.37 5.97
N GLY A 386 15.88 11.73 5.24
CA GLY A 386 16.04 12.01 3.83
C GLY A 386 15.04 11.26 2.98
N ALA A 387 15.56 10.35 2.18
CA ALA A 387 14.72 9.47 1.39
C ALA A 387 13.98 8.47 2.26
N LEU A 388 14.47 8.23 3.48
CA LEU A 388 13.80 7.41 4.46
C LEU A 388 13.29 8.37 5.51
N ARG A 389 11.97 8.60 5.53
CA ARG A 389 11.40 9.65 6.36
C ARG A 389 10.28 9.18 7.27
N TYR A 390 10.16 9.87 8.41
CA TYR A 390 9.20 9.53 9.43
C TYR A 390 8.59 10.81 9.98
N HIS A 391 7.30 10.76 10.27
CA HIS A 391 6.75 11.76 11.19
C HIS A 391 5.71 11.11 12.09
N ILE A 392 5.44 11.80 13.18
CA ILE A 392 4.34 11.48 14.08
C ILE A 392 3.54 12.76 14.22
N ARG A 393 2.23 12.67 14.04
CA ARG A 393 1.33 13.79 14.20
C ARG A 393 0.49 13.67 15.45
N PRO A 394 -0.01 14.77 15.95
CA PRO A 394 -0.94 14.69 17.09
C PRO A 394 -2.24 13.98 16.69
N GLY A 395 -2.91 13.40 17.68
CA GLY A 395 -4.24 12.90 17.49
C GLY A 395 -4.39 11.41 17.28
N PRO A 396 -5.60 10.99 16.99
CA PRO A 396 -5.89 9.55 16.92
C PRO A 396 -5.62 8.98 15.53
N HIS A 397 -5.74 7.66 15.46
CA HIS A 397 -5.49 6.91 14.23
C HIS A 397 -6.36 7.43 13.10
N GLY A 398 -5.75 7.62 11.93
CA GLY A 398 -6.47 8.20 10.81
C GLY A 398 -5.48 8.65 9.75
N MET A 399 -6.02 9.26 8.70
CA MET A 399 -5.19 9.83 7.65
C MET A 399 -5.71 11.22 7.35
N THR A 400 -4.89 12.23 7.63
CA THR A 400 -5.39 13.59 7.74
C THR A 400 -4.69 14.53 6.76
N ALA A 401 -5.24 15.74 6.70
CA ALA A 401 -4.62 16.75 5.85
C ALA A 401 -3.17 16.99 6.25
N GLN A 402 -2.87 16.90 7.54
CA GLN A 402 -1.48 17.10 7.95
C GLN A 402 -0.58 16.01 7.39
N ASP A 403 -0.98 14.76 7.53
CA ASP A 403 -0.20 13.70 6.90
C ASP A 403 0.03 13.98 5.41
N TRP A 404 -1.03 14.30 4.69
CA TRP A 404 -0.92 14.52 3.25
C TRP A 404 -0.02 15.69 2.93
N ALA A 405 -0.07 16.75 3.75
CA ALA A 405 0.84 17.89 3.53
C ALA A 405 2.28 17.40 3.52
N PHE A 406 2.63 16.56 4.51
CA PHE A 406 3.99 16.06 4.58
C PHE A 406 4.30 15.13 3.41
N TYR A 407 3.34 14.29 3.03
CA TYR A 407 3.56 13.38 1.90
C TYR A 407 3.78 14.13 0.59
N LEU A 408 3.03 15.20 0.38
CA LEU A 408 3.17 15.96 -0.85
C LEU A 408 4.53 16.64 -0.95
N ALA A 409 5.02 17.16 0.18
CA ALA A 409 6.36 17.74 0.20
C ALA A 409 7.42 16.69 -0.09
N PHE A 410 7.23 15.48 0.44
CA PHE A 410 8.14 14.36 0.18
C PHE A 410 8.13 13.98 -1.29
N ALA A 411 6.94 13.87 -1.89
CA ALA A 411 6.85 13.53 -3.29
C ALA A 411 7.47 14.63 -4.15
N ASP A 412 7.29 15.89 -3.77
CA ASP A 412 7.91 16.97 -4.51
C ASP A 412 9.43 16.82 -4.53
N GLU A 413 10.01 16.42 -3.41
CA GLU A 413 11.46 16.28 -3.32
C GLU A 413 11.94 15.09 -4.15
N TRP A 414 11.21 13.96 -4.16
CA TRP A 414 11.71 12.74 -4.77
C TRP A 414 11.13 12.44 -6.16
N LEU A 415 10.07 13.13 -6.58
CA LEU A 415 9.53 12.89 -7.91
C LEU A 415 9.59 14.13 -8.78
N LYS A 416 10.48 15.09 -8.46
CA LYS A 416 10.51 16.34 -9.20
C LYS A 416 11.81 17.14 -9.11
N SER A 417 12.42 17.17 -7.93
CA SER A 417 13.44 18.17 -7.59
C SER A 417 14.39 18.55 -8.72
N ALA A 418 15.27 17.63 -9.12
CA ALA A 418 16.22 17.87 -10.21
C ALA A 418 15.77 17.20 -11.50
N LEU A 419 14.46 17.22 -11.77
CA LEU A 419 13.80 16.51 -12.87
C LEU A 419 13.18 17.50 -13.85
N PRO A 420 13.22 17.21 -15.17
CA PRO A 420 12.45 17.97 -16.16
C PRO A 420 10.92 17.92 -15.87
O1 XYP B . -11.35 -6.37 19.07
C1 XYP B . -10.58 -5.77 18.03
C2 XYP B . -11.62 -5.20 17.06
C3 XYP B . -10.99 -4.38 15.94
C4 XYP B . -10.02 -3.40 16.59
C5 XYP B . -9.00 -4.18 17.39
O2 XYP B . -12.39 -6.29 16.56
O3 XYP B . -12.00 -3.69 15.20
O4 XYP B . -9.43 -2.59 15.58
O5 XYP B . -9.72 -4.73 18.52
HO1 XYP B . -11.22 -5.87 19.89
H1 XYP B . -9.92 -6.51 17.55
H2 XYP B . -12.27 -4.51 17.61
H3 XYP B . -10.46 -5.03 15.23
H4 XYP B . -10.53 -2.71 17.27
H51 XYP B . -8.19 -3.53 17.74
H52 XYP B . -8.55 -4.97 16.79
HO2 XYP B . -13.28 -6.27 16.95
HO3 XYP B . -12.34 -4.28 14.50
C1 XYP B . -8.89 -1.46 16.18
C2 XYP B . -8.12 -0.86 15.00
C3 XYP B . -7.66 0.56 15.33
C4 XYP B . -8.84 1.39 15.88
C5 XYP B . -9.60 0.63 16.94
O2 XYP B . -7.14 -1.62 14.42
O3 XYP B . -7.17 1.12 14.12
O4 XYP B . -8.40 2.64 16.44
O5 XYP B . -10.01 -0.64 16.46
H1 XYP B . -8.23 -1.50 17.05
H2 XYP B . -8.78 -0.82 14.13
H3 XYP B . -6.90 0.57 16.12
H4 XYP B . -9.49 1.61 15.01
H51 XYP B . -10.47 1.21 17.26
H52 XYP B . -8.95 0.49 17.82
HO3 XYP B . -6.57 1.85 14.33
C7 GCV B . -3.33 -0.80 12.01
C1 GCV B . -7.51 -2.54 13.37
C2 GCV B . -6.38 -3.54 13.13
C3 GCV B . -5.10 -2.84 12.66
C4 GCV B . -5.37 -2.02 11.42
C5 GCV B . -6.57 -1.11 11.66
C6 GCV B . -7.00 -0.41 10.39
O2 GCV B . -6.18 -4.25 14.36
O3 GCV B . -4.10 -3.81 12.28
O4 GCV B . -4.21 -1.29 11.00
O5 GCV B . -7.72 -1.81 12.16
O6A GCV B . -7.40 0.80 10.46
O6B GCV B . -6.90 -1.04 9.28
H71 GCV B . -2.66 -0.10 11.58
H72 GCV B . -2.77 -1.61 12.41
H73 GCV B . -3.89 -0.35 12.77
H1 GCV B . -8.43 -3.07 13.66
H2 GCV B . -6.65 -4.24 12.33
H3 GCV B . -4.75 -2.21 13.51
H4 GCV B . -5.60 -2.71 10.58
H5 GCV B . -6.20 -0.39 12.40
HO2 GCV B . -7.04 -4.51 14.72
HO3 GCV B . -3.30 -3.67 12.80
C1 XYP B . -9.48 3.47 16.19
C2 XYP B . -9.19 4.47 17.30
C3 XYP B . -9.90 5.81 17.10
C4 XYP B . -9.60 6.35 15.71
C5 XYP B . -9.90 5.28 14.67
O2 XYP B . -9.54 3.94 18.58
O3 XYP B . -9.44 6.67 18.15
O4 XYP B . -10.41 7.50 15.45
O5 XYP B . -9.19 4.07 14.93
H1 XYP B . -10.54 3.18 16.23
H2 XYP B . -8.11 4.66 17.25
H3 XYP B . -10.99 5.74 17.18
H4 XYP B . -8.53 6.62 15.67
H51 XYP B . -9.64 5.65 13.68
H52 XYP B . -10.97 5.08 14.67
HO2 XYP B . -9.27 3.01 18.63
HO3 XYP B . -9.12 7.49 17.78
HO4 XYP B . -10.10 7.93 14.64
MG MG C . 2.50 -4.19 17.94
K K D . 1.76 5.94 -18.94
C1 EDO E . -8.46 16.97 9.06
O1 EDO E . -8.15 16.07 7.97
C2 EDO E . -7.80 18.33 8.83
O2 EDO E . -8.62 19.20 8.03
H11 EDO E . -9.54 17.10 9.12
H12 EDO E . -8.10 16.55 10.00
HO1 EDO E . -8.96 15.71 7.61
H21 EDO E . -7.61 18.80 9.79
H22 EDO E . -6.83 18.19 8.33
HO2 EDO E . -8.11 19.97 7.75
C1 EDO F . 6.47 -13.47 -3.75
O1 EDO F . 5.84 -14.55 -3.05
C2 EDO F . 7.47 -12.74 -2.86
O2 EDO F . 7.89 -11.55 -3.54
H11 EDO F . 6.98 -13.86 -4.63
H12 EDO F . 5.71 -12.78 -4.09
HO1 EDO F . 5.32 -15.08 -3.67
H21 EDO F . 7.01 -12.49 -1.91
H22 EDO F . 8.34 -13.38 -2.66
HO2 EDO F . 8.57 -11.11 -3.02
C1 EDO G . -1.03 -12.06 -23.64
O1 EDO G . -2.32 -12.69 -23.41
C2 EDO G . -0.25 -11.69 -22.37
O2 EDO G . -0.35 -10.28 -22.10
H11 EDO G . -0.42 -12.73 -24.23
H12 EDO G . -1.21 -11.15 -24.21
HO1 EDO G . -2.70 -12.95 -24.26
H21 EDO G . -0.64 -12.25 -21.52
H22 EDO G . 0.80 -11.95 -22.50
HO2 EDO G . 0.17 -10.06 -21.32
C1 EDO H . 8.72 21.08 10.74
O1 EDO H . 7.32 21.00 10.39
C2 EDO H . 9.54 20.42 9.63
O2 EDO H . 10.53 19.54 10.20
H11 EDO H . 9.00 22.13 10.84
H12 EDO H . 8.89 20.58 11.68
HO1 EDO H . 7.22 21.14 9.44
H21 EDO H . 10.03 21.19 9.03
H22 EDO H . 8.88 19.85 8.97
HO2 EDO H . 10.42 18.65 9.82
C1 EDO I . 22.49 -15.58 10.65
O1 EDO I . 21.42 -16.53 10.62
C2 EDO I . 23.71 -16.22 11.28
O2 EDO I . 23.71 -17.61 10.87
H11 EDO I . 22.73 -15.27 9.63
H12 EDO I . 22.21 -14.70 11.22
HO1 EDO I . 20.64 -16.13 10.22
H21 EDO I . 24.63 -15.74 10.95
H22 EDO I . 23.66 -16.16 12.37
HO2 EDO I . 24.50 -18.04 11.20
C1 EDO J . 14.59 16.72 8.18
O1 EDO J . 13.76 16.42 7.03
C2 EDO J . 15.81 15.81 8.17
O2 EDO J . 16.13 15.40 9.51
H11 EDO J . 14.90 17.76 8.15
H12 EDO J . 14.01 16.56 9.09
HO1 EDO J . 13.02 17.04 7.00
H21 EDO J . 15.62 14.93 7.56
H22 EDO J . 16.66 16.34 7.74
HO2 EDO J . 16.90 14.83 9.49
C1 EDO K . -14.99 6.14 -22.64
O1 EDO K . -15.26 4.80 -23.13
C2 EDO K . -14.11 6.86 -23.66
O2 EDO K . -13.18 5.92 -24.17
H11 EDO K . -14.48 6.09 -21.67
H12 EDO K . -15.93 6.68 -22.51
HO1 EDO K . -15.79 4.32 -22.47
H21 EDO K . -14.72 7.26 -24.47
H22 EDO K . -13.60 7.69 -23.18
HO2 EDO K . -12.53 6.37 -24.73
C1 EDO L . -1.63 14.88 -23.39
O1 EDO L . -1.63 13.81 -24.35
C2 EDO L . -0.87 14.47 -22.13
O2 EDO L . 0.51 14.21 -22.44
H11 EDO L . -1.16 15.77 -23.83
H12 EDO L . -2.66 15.14 -23.14
HO1 EDO L . -2.03 14.10 -25.17
H21 EDO L . -0.94 15.26 -21.39
H22 EDO L . -1.33 13.58 -21.71
HO2 EDO L . 0.98 13.98 -21.62
C1 EDO M . -12.29 -3.99 11.93
O1 EDO M . -11.67 -2.82 12.48
C2 EDO M . -12.83 -3.75 10.53
O2 EDO M . -12.83 -5.00 9.82
H11 EDO M . -11.55 -4.80 11.89
H12 EDO M . -13.11 -4.30 12.59
HO1 EDO M . -11.31 -3.02 13.35
H21 EDO M . -13.84 -3.34 10.58
H22 EDO M . -12.20 -3.02 10.00
HO2 EDO M . -13.19 -4.87 8.93
C1 EDO N . -10.45 1.54 10.05
O1 EDO N . -10.38 2.22 8.78
C2 EDO N . -9.77 2.39 11.13
O2 EDO N . -9.43 1.63 12.31
H11 EDO N . -11.49 1.37 10.32
H12 EDO N . -9.95 0.57 9.96
HO1 EDO N . -10.78 1.67 8.09
H21 EDO N . -8.85 2.81 10.72
H22 EDO N . -10.43 3.21 11.40
HO2 EDO N . -9.04 2.22 12.97
C1 EDO O . -2.67 -16.89 -15.23
O1 EDO O . -3.54 -16.10 -16.05
C2 EDO O . -1.35 -17.08 -15.95
O2 EDO O . -0.80 -15.80 -16.32
H11 EDO O . -2.50 -16.38 -14.27
H12 EDO O . -3.13 -17.85 -15.01
HO1 EDO O . -4.39 -15.98 -15.60
H21 EDO O . -0.65 -17.61 -15.30
H22 EDO O . -1.51 -17.70 -16.83
HO2 EDO O . 0.07 -15.94 -16.74
C1 EDO P . -16.35 -4.94 -18.19
O1 EDO P . -15.78 -3.67 -18.52
C2 EDO P . -15.57 -6.08 -18.85
O2 EDO P . -14.76 -6.78 -17.90
H11 EDO P . -16.35 -5.07 -17.10
H12 EDO P . -17.39 -4.98 -18.52
HO1 EDO P . -16.34 -2.96 -18.18
H21 EDO P . -16.26 -6.77 -19.32
H22 EDO P . -14.93 -5.66 -19.63
HO2 EDO P . -14.59 -7.69 -18.24
C1 EDO Q . 18.73 -14.36 8.79
O1 EDO Q . 17.98 -14.03 7.60
C2 EDO Q . 20.10 -13.66 8.80
O2 EDO Q . 20.07 -12.41 9.49
H11 EDO Q . 18.17 -14.05 9.67
H12 EDO Q . 18.87 -15.44 8.84
HO1 EDO Q . 17.07 -14.33 7.71
H21 EDO Q . 20.84 -14.31 9.27
H22 EDO Q . 20.42 -13.49 7.77
HO2 EDO Q . 20.96 -12.01 9.50
C1 EDO R . 5.74 -14.25 -8.40
O1 EDO R . 5.53 -12.88 -8.02
C2 EDO R . 6.32 -14.26 -9.81
O2 EDO R . 7.62 -14.88 -9.83
H11 EDO R . 6.45 -14.73 -7.71
H12 EDO R . 4.81 -14.81 -8.38
HO1 EDO R . 5.17 -12.85 -7.12
H21 EDO R . 5.65 -14.80 -10.48
H22 EDO R . 6.41 -13.23 -10.18
HO2 EDO R . 7.99 -14.84 -10.71
C1 EDO S . 2.05 23.97 -7.92
O1 EDO S . 2.14 22.89 -8.88
C2 EDO S . 3.23 23.89 -6.95
O2 EDO S . 2.88 24.46 -5.68
H11 EDO S . 2.07 24.92 -8.45
H12 EDO S . 1.11 23.90 -7.37
HO1 EDO S . 1.36 22.92 -9.46
H21 EDO S . 3.53 22.86 -6.82
H22 EDO S . 4.08 24.44 -7.37
HO2 EDO S . 3.65 24.48 -5.11
C1 EDO T . 13.17 -5.17 20.04
O1 EDO T . 12.43 -5.35 21.25
C2 EDO T . 13.97 -3.88 20.11
O2 EDO T . 13.08 -2.76 20.13
H11 EDO T . 13.84 -6.02 19.89
H12 EDO T . 12.49 -5.14 19.18
HO1 EDO T . 11.96 -6.20 21.23
H21 EDO T . 14.64 -3.80 19.25
H22 EDO T . 14.59 -3.88 21.01
HO2 EDO T . 13.58 -1.94 20.15
C1 PEG U . -22.47 5.60 -13.68
O1 PEG U . -21.56 5.21 -14.69
C2 PEG U . -22.58 7.09 -13.57
O2 PEG U . -23.53 7.47 -12.58
C3 PEG U . -23.26 6.92 -11.30
C4 PEG U . -24.11 5.69 -11.09
O4 PEG U . -23.38 4.61 -10.54
H11 PEG U . -23.35 5.22 -13.87
H12 PEG U . -22.16 5.23 -12.82
HO1 PEG U . -21.52 4.36 -14.72
H21 PEG U . -21.70 7.47 -13.34
H22 PEG U . -22.85 7.47 -14.44
H31 PEG U . -22.32 6.67 -11.23
H32 PEG U . -23.47 7.58 -10.61
H41 PEG U . -24.85 5.91 -10.49
H42 PEG U . -24.49 5.42 -11.95
HO4 PEG U . -23.88 3.93 -10.49
#